data_8QFR
#
_entry.id   8QFR
#
_cell.length_a   44.633
_cell.length_b   59.088
_cell.length_c   134.446
_cell.angle_alpha   90.00
_cell.angle_beta   90.00
_cell.angle_gamma   90.00
#
_symmetry.space_group_name_H-M   'P 21 21 21'
#
loop_
_entity.id
_entity.type
_entity.pdbx_description
1 polymer 'Cysteine dioxygenase'
2 non-polymer 1,2-ETHANEDIOL
3 non-polymer trimethyl-[(2S)-1-oxidanyl-1-oxidanylidene-3-(2-sulfanylidene-1,3-dihydroimidazol-4-yl)propan-2-yl]azanium
4 non-polymer 'MAGNESIUM ION'
5 non-polymer 'NICKEL (II) ION'
6 non-polymer 'CALCIUM ION'
7 non-polymer 'TETRAETHYLENE GLYCOL'
8 non-polymer 'ACETATE ION'
9 water water
#
_entity_poly.entity_id   1
_entity_poly.type   'polypeptide(L)'
_entity_poly.pdbx_seq_one_letter_code
;MGHHHHHHAENLYFQGELDLPERNLDRRELRDLVNELAAHPERWAEHVMFPEEGGRHYASLHRDAYVDVWLLCWRAEDDT
GWHDHDISSGAVRVVAGALKECNPRIGGEHLETVVSEGESFSFGPDHIHRLTGAVHGSVSIHAYSPPLWRLGQYSIDDSG
VMRRVSVSYADELRPVEVA
;
_entity_poly.pdbx_strand_id   A,B
#
loop_
_chem_comp.id
_chem_comp.type
_chem_comp.name
_chem_comp.formula
ACT non-polymer 'ACETATE ION' 'C2 H3 O2 -1'
CA non-polymer 'CALCIUM ION' 'Ca 2'
EDO non-polymer 1,2-ETHANEDIOL 'C2 H6 O2'
LW8 non-polymer trimethyl-[(2S)-1-oxidanyl-1-oxidanylidene-3-(2-sulfanylidene-1,3-dihydroimidazol-4-yl)propan-2-yl]azanium 'C9 H16 N3 O2 S 1'
MG non-polymer 'MAGNESIUM ION' 'Mg 2'
NI non-polymer 'NICKEL (II) ION' 'Ni 2'
PG4 non-polymer 'TETRAETHYLENE GLYCOL' 'C8 H18 O5'
#
# COMPACT_ATOMS: atom_id res chain seq x y z
N GLU A 17 5.40 22.19 -19.84
CA GLU A 17 4.35 21.33 -19.30
C GLU A 17 3.10 21.34 -20.22
N LEU A 18 2.01 20.74 -19.73
CA LEU A 18 0.66 20.80 -20.28
C LEU A 18 -0.21 21.81 -19.54
N ASP A 19 -1.26 22.28 -20.21
CA ASP A 19 -2.13 23.33 -19.68
C ASP A 19 -3.43 22.67 -19.24
N LEU A 20 -3.42 22.17 -18.02
CA LEU A 20 -4.46 21.31 -17.47
C LEU A 20 -5.24 22.01 -16.37
N PRO A 21 -6.34 21.44 -15.93
CA PRO A 21 -7.15 22.07 -14.89
C PRO A 21 -6.39 22.16 -13.57
N GLU A 22 -6.75 23.12 -12.75
CA GLU A 22 -6.10 23.25 -11.46
C GLU A 22 -6.91 22.54 -10.36
N ARG A 23 -7.01 21.23 -10.52
CA ARG A 23 -7.83 20.37 -9.65
C ARG A 23 -7.53 18.92 -9.99
N ASN A 24 -7.90 18.03 -9.08
CA ASN A 24 -7.78 16.60 -9.32
C ASN A 24 -8.75 16.17 -10.43
N LEU A 25 -8.33 15.16 -11.20
CA LEU A 25 -9.12 14.60 -12.27
C LEU A 25 -9.57 13.21 -11.83
N ASP A 26 -10.79 12.82 -12.18
CA ASP A 26 -11.18 11.46 -11.82
C ASP A 26 -10.81 10.50 -12.96
N ARG A 27 -11.21 9.22 -12.79
CA ARG A 27 -10.82 8.15 -13.69
C ARG A 27 -11.17 8.45 -15.14
N ARG A 28 -12.41 8.92 -15.36
CA ARG A 28 -12.84 9.14 -16.73
C ARG A 28 -12.15 10.36 -17.31
N GLU A 29 -11.83 11.33 -16.47
CA GLU A 29 -11.13 12.51 -16.95
C GLU A 29 -9.68 12.21 -17.29
N LEU A 30 -9.04 11.32 -16.52
CA LEU A 30 -7.69 10.90 -16.85
C LEU A 30 -7.67 10.10 -18.14
N ARG A 31 -8.69 9.26 -18.36
CA ARG A 31 -8.76 8.53 -19.61
C ARG A 31 -8.96 9.47 -20.80
N ASP A 32 -9.87 10.44 -20.67
CA ASP A 32 -10.00 11.45 -21.71
C ASP A 32 -8.66 12.13 -21.97
N LEU A 33 -7.93 12.43 -20.90
CA LEU A 33 -6.66 13.14 -21.02
C LEU A 33 -5.65 12.33 -21.84
N VAL A 34 -5.41 11.06 -21.48
CA VAL A 34 -4.36 10.30 -22.16
C VAL A 34 -4.76 10.08 -23.63
N ASN A 35 -6.05 9.95 -23.91
CA ASN A 35 -6.46 9.71 -25.29
C ASN A 35 -6.32 10.96 -26.15
N GLU A 36 -6.68 12.14 -25.61
CA GLU A 36 -6.49 13.37 -26.36
C GLU A 36 -5.01 13.68 -26.53
N LEU A 37 -4.20 13.47 -25.48
CA LEU A 37 -2.76 13.62 -25.65
C LEU A 37 -2.21 12.72 -26.76
N ALA A 38 -2.68 11.47 -26.88
CA ALA A 38 -2.18 10.64 -27.95
C ALA A 38 -2.50 11.25 -29.33
N ALA A 39 -3.54 12.06 -29.43
CA ALA A 39 -3.91 12.71 -30.68
C ALA A 39 -3.13 13.99 -30.95
N HIS A 40 -2.27 14.43 -30.02
CA HIS A 40 -1.50 15.66 -30.17
C HIS A 40 -0.03 15.29 -30.09
N PRO A 41 0.55 14.73 -31.15
CA PRO A 41 1.96 14.31 -31.06
C PRO A 41 2.90 15.49 -30.82
N GLU A 42 2.45 16.72 -31.05
CA GLU A 42 3.30 17.84 -30.69
C GLU A 42 3.62 17.86 -29.19
N ARG A 43 2.78 17.28 -28.35
CA ARG A 43 3.07 17.24 -26.91
C ARG A 43 4.17 16.24 -26.55
N TRP A 44 4.42 15.21 -27.36
CA TRP A 44 5.28 14.14 -26.86
C TRP A 44 6.24 13.53 -27.88
N ALA A 45 6.08 13.80 -29.20
CA ALA A 45 6.93 13.14 -30.18
C ALA A 45 8.42 13.34 -29.89
N GLU A 46 8.82 14.53 -29.43
CA GLU A 46 10.23 14.81 -29.21
C GLU A 46 10.80 13.84 -28.17
N HIS A 47 10.04 13.55 -27.12
CA HIS A 47 10.49 12.67 -26.04
C HIS A 47 10.48 11.19 -26.41
N VAL A 48 10.11 10.84 -27.64
CA VAL A 48 10.22 9.46 -28.08
C VAL A 48 11.70 9.09 -28.32
N HIS A 57 13.39 4.06 -19.93
CA HIS A 57 13.08 5.11 -20.92
C HIS A 57 11.68 5.69 -20.72
N TYR A 58 11.65 6.89 -20.15
CA TYR A 58 10.40 7.57 -19.83
C TYR A 58 10.68 9.06 -19.83
N ALA A 59 9.62 9.85 -20.06
CA ALA A 59 9.71 11.30 -19.98
C ALA A 59 8.46 11.87 -19.33
N SER A 60 8.64 12.77 -18.37
CA SER A 60 7.50 13.45 -17.79
C SER A 60 7.03 14.53 -18.75
N LEU A 61 5.73 14.55 -19.03
CA LEU A 61 5.12 15.61 -19.81
C LEU A 61 4.53 16.69 -18.93
N HIS A 62 4.32 16.40 -17.64
CA HIS A 62 3.60 17.31 -16.77
C HIS A 62 3.60 16.77 -15.35
N ARG A 63 4.05 17.60 -14.39
CA ARG A 63 3.95 17.27 -12.98
C ARG A 63 3.59 18.54 -12.23
N ASP A 64 2.41 18.58 -11.60
CA ASP A 64 2.09 19.66 -10.67
C ASP A 64 1.39 19.06 -9.45
N ALA A 65 0.66 19.90 -8.70
CA ALA A 65 0.02 19.44 -7.47
C ALA A 65 -1.18 18.56 -7.73
N TYR A 66 -1.65 18.49 -8.97
CA TYR A 66 -2.89 17.79 -9.27
C TYR A 66 -2.70 16.58 -10.19
N VAL A 67 -1.78 16.64 -11.15
CA VAL A 67 -1.72 15.65 -12.23
C VAL A 67 -0.27 15.40 -12.60
N ASP A 68 0.06 14.11 -12.79
CA ASP A 68 1.32 13.66 -13.40
C ASP A 68 0.98 13.01 -14.74
N VAL A 69 1.77 13.30 -15.75
CA VAL A 69 1.64 12.62 -17.04
C VAL A 69 3.02 12.18 -17.48
N TRP A 70 3.15 10.93 -17.89
CA TRP A 70 4.40 10.40 -18.39
C TRP A 70 4.22 9.79 -19.78
N LEU A 71 5.29 9.88 -20.56
CA LEU A 71 5.42 9.08 -21.77
C LEU A 71 6.40 7.95 -21.47
N LEU A 72 5.99 6.73 -21.78
CA LEU A 72 6.83 5.54 -21.60
C LEU A 72 7.12 4.88 -22.95
N CYS A 73 8.39 4.58 -23.16
CA CYS A 73 8.83 3.80 -24.30
C CYS A 73 9.35 2.47 -23.78
N TRP A 74 8.87 1.39 -24.36
CA TRP A 74 8.97 0.07 -23.77
C TRP A 74 9.96 -0.79 -24.56
N ARG A 75 10.77 -1.55 -23.85
CA ARG A 75 11.49 -2.68 -24.42
C ARG A 75 10.80 -3.97 -24.00
N ALA A 76 11.09 -5.04 -24.73
CA ALA A 76 10.38 -6.30 -24.55
C ALA A 76 10.50 -6.82 -23.12
N GLU A 77 11.63 -6.59 -22.47
CA GLU A 77 11.83 -7.13 -21.14
C GLU A 77 11.29 -6.23 -20.02
N ASP A 78 10.81 -5.03 -20.34
CA ASP A 78 10.35 -4.11 -19.31
C ASP A 78 9.21 -4.74 -18.51
N ASP A 79 9.17 -4.41 -17.22
CA ASP A 79 8.20 -5.01 -16.32
C ASP A 79 8.10 -4.10 -15.12
N THR A 80 6.90 -3.58 -14.85
CA THR A 80 6.73 -2.72 -13.70
C THR A 80 6.78 -3.48 -12.39
N GLY A 81 6.59 -4.80 -12.43
CA GLY A 81 6.26 -5.57 -11.24
C GLY A 81 4.89 -5.17 -10.68
N TRP A 82 4.47 -5.90 -9.65
CA TRP A 82 3.16 -5.63 -9.07
C TRP A 82 3.24 -4.38 -8.21
N HIS A 83 2.21 -3.55 -8.29
CA HIS A 83 2.25 -2.26 -7.60
C HIS A 83 0.85 -1.68 -7.55
N ASP A 84 0.66 -0.82 -6.57
CA ASP A 84 -0.47 0.10 -6.50
C ASP A 84 0.06 1.51 -6.64
N HIS A 85 -0.88 2.46 -6.76
CA HIS A 85 -0.53 3.87 -6.89
C HIS A 85 -0.98 4.67 -5.66
N ASP A 86 -1.05 4.00 -4.51
CA ASP A 86 -1.41 4.58 -3.21
C ASP A 86 -2.77 5.24 -3.26
N ILE A 87 -2.81 6.56 -3.35
CA ILE A 87 -4.06 7.29 -3.45
C ILE A 87 -4.33 7.85 -4.85
N SER A 88 -3.52 7.52 -5.83
CA SER A 88 -3.69 8.07 -7.18
C SER A 88 -4.63 7.23 -8.03
N SER A 89 -5.59 7.89 -8.68
CA SER A 89 -6.25 7.22 -9.78
C SER A 89 -5.38 7.37 -11.02
N GLY A 90 -5.70 6.61 -12.07
CA GLY A 90 -4.83 6.70 -13.24
C GLY A 90 -5.51 6.20 -14.50
N ALA A 91 -4.83 6.46 -15.63
CA ALA A 91 -5.31 5.97 -16.91
C ALA A 91 -4.11 5.75 -17.81
N VAL A 92 -4.24 4.80 -18.72
CA VAL A 92 -3.17 4.45 -19.65
C VAL A 92 -3.75 4.45 -21.06
N ARG A 93 -2.98 5.01 -22.01
CA ARG A 93 -3.31 4.89 -23.42
C ARG A 93 -2.08 4.34 -24.15
N VAL A 94 -2.28 3.25 -24.88
CA VAL A 94 -1.21 2.72 -25.73
C VAL A 94 -1.22 3.45 -27.08
N VAL A 95 -0.13 4.14 -27.38
CA VAL A 95 -0.04 4.92 -28.62
C VAL A 95 0.43 4.06 -29.76
N ALA A 96 1.44 3.23 -29.51
CA ALA A 96 1.99 2.32 -30.51
C ALA A 96 2.35 1.02 -29.81
N GLY A 97 2.04 -0.09 -30.48
CA GLY A 97 2.44 -1.37 -29.94
C GLY A 97 1.34 -2.03 -29.14
N ALA A 98 1.71 -2.69 -28.05
CA ALA A 98 0.78 -3.39 -27.17
C ALA A 98 1.51 -3.79 -25.90
N LEU A 99 0.77 -3.96 -24.82
CA LEU A 99 1.38 -4.45 -23.60
C LEU A 99 0.33 -5.25 -22.84
N LYS A 100 0.76 -5.91 -21.76
CA LYS A 100 -0.14 -6.72 -20.94
C LYS A 100 -0.48 -5.98 -19.65
N GLU A 101 -1.77 -5.79 -19.41
CA GLU A 101 -2.28 -5.34 -18.13
C GLU A 101 -2.60 -6.61 -17.37
N CYS A 102 -1.92 -6.78 -16.23
CA CYS A 102 -2.09 -7.96 -15.38
C CYS A 102 -2.73 -7.56 -14.05
N ASN A 103 -3.67 -8.37 -13.60
CA ASN A 103 -4.35 -8.16 -12.32
C ASN A 103 -4.11 -9.36 -11.42
N PRO A 104 -3.79 -9.15 -10.14
CA PRO A 104 -3.41 -10.28 -9.29
C PRO A 104 -4.61 -11.01 -8.70
N ARG A 105 -4.50 -12.33 -8.61
CA ARG A 105 -5.50 -13.15 -7.96
C ARG A 105 -4.86 -13.96 -6.82
N ILE A 106 -5.59 -14.09 -5.72
CA ILE A 106 -5.03 -14.69 -4.52
C ILE A 106 -4.62 -16.14 -4.78
N GLY A 107 -5.42 -16.88 -5.54
CA GLY A 107 -4.97 -18.22 -5.91
C GLY A 107 -3.58 -18.23 -6.52
N GLY A 108 -3.20 -17.14 -7.20
CA GLY A 108 -1.93 -17.04 -7.90
C GLY A 108 -2.02 -17.12 -9.41
N GLU A 109 -3.18 -17.46 -9.97
CA GLU A 109 -3.37 -17.53 -11.43
C GLU A 109 -3.87 -16.16 -11.90
N HIS A 110 -2.95 -15.26 -12.19
CA HIS A 110 -3.26 -13.86 -12.46
C HIS A 110 -3.92 -13.64 -13.84
N LEU A 111 -4.79 -12.61 -13.90
CA LEU A 111 -5.39 -12.23 -15.18
C LEU A 111 -4.42 -11.39 -16.00
N GLU A 112 -4.35 -11.68 -17.30
CA GLU A 112 -3.58 -10.89 -18.25
C GLU A 112 -4.51 -10.44 -19.39
N THR A 113 -4.39 -9.17 -19.76
CA THR A 113 -5.16 -8.58 -20.83
C THR A 113 -4.21 -7.81 -21.72
N VAL A 114 -4.20 -8.13 -23.00
CA VAL A 114 -3.39 -7.38 -23.95
C VAL A 114 -4.14 -6.12 -24.34
N VAL A 115 -3.51 -4.96 -24.13
CA VAL A 115 -4.02 -3.66 -24.55
C VAL A 115 -3.20 -3.17 -25.72
N SER A 116 -3.86 -2.89 -26.85
CA SER A 116 -3.18 -2.60 -28.12
C SER A 116 -3.25 -1.11 -28.50
N GLU A 117 -2.45 -0.73 -29.49
CA GLU A 117 -2.39 0.66 -29.89
C GLU A 117 -3.81 1.17 -30.15
N GLY A 118 -4.09 2.42 -29.75
CA GLY A 118 -5.42 2.98 -29.85
C GLY A 118 -6.29 2.74 -28.63
N GLU A 119 -5.99 1.74 -27.80
CA GLU A 119 -6.83 1.38 -26.67
C GLU A 119 -6.30 1.99 -25.38
N SER A 120 -7.22 2.16 -24.43
CA SER A 120 -6.90 2.81 -23.17
C SER A 120 -7.74 2.19 -22.08
N PHE A 121 -7.30 2.40 -20.85
CA PHE A 121 -8.14 2.06 -19.70
C PHE A 121 -7.79 2.94 -18.52
N SER A 122 -8.64 2.89 -17.50
CA SER A 122 -8.51 3.73 -16.33
C SER A 122 -8.71 2.88 -15.07
N PHE A 123 -8.31 3.41 -13.91
CA PHE A 123 -8.53 2.71 -12.65
C PHE A 123 -8.53 3.73 -11.52
N GLY A 124 -9.33 3.42 -10.48
CA GLY A 124 -9.31 4.14 -9.24
C GLY A 124 -8.08 3.82 -8.38
N PRO A 125 -8.04 4.41 -7.19
CA PRO A 125 -6.83 4.28 -6.35
C PRO A 125 -6.67 2.93 -5.65
N ASP A 126 -7.65 2.05 -5.71
CA ASP A 126 -7.53 0.73 -5.10
C ASP A 126 -6.82 -0.27 -6.02
N HIS A 127 -6.40 0.15 -7.20
CA HIS A 127 -5.93 -0.76 -8.23
C HIS A 127 -4.54 -1.30 -7.89
N ILE A 128 -4.38 -2.60 -8.07
CA ILE A 128 -3.09 -3.27 -8.00
C ILE A 128 -2.89 -3.95 -9.34
N HIS A 129 -1.74 -3.74 -9.97
CA HIS A 129 -1.58 -4.28 -11.32
C HIS A 129 -0.10 -4.37 -11.66
N ARG A 130 0.15 -4.89 -12.85
CA ARG A 130 1.49 -5.00 -13.40
C ARG A 130 1.41 -4.88 -14.92
N LEU A 131 2.32 -4.10 -15.49
CA LEU A 131 2.41 -3.90 -16.93
C LEU A 131 3.70 -4.54 -17.42
N THR A 132 3.60 -5.47 -18.38
CA THR A 132 4.76 -6.16 -18.92
C THR A 132 4.42 -6.73 -20.29
N GLY A 133 5.32 -7.54 -20.84
CA GLY A 133 5.14 -8.12 -22.17
C GLY A 133 4.90 -7.12 -23.28
N ALA A 134 5.57 -5.97 -23.23
CA ALA A 134 5.33 -4.98 -24.26
C ALA A 134 6.00 -5.43 -25.56
N VAL A 135 5.36 -5.08 -26.69
CA VAL A 135 6.07 -5.11 -27.97
C VAL A 135 7.24 -4.14 -27.88
N HIS A 136 8.43 -4.59 -28.30
CA HIS A 136 9.58 -3.71 -28.38
C HIS A 136 9.26 -2.43 -29.15
N GLY A 137 9.64 -1.28 -28.58
CA GLY A 137 9.29 -0.02 -29.21
C GLY A 137 7.90 0.49 -28.93
N SER A 138 7.14 -0.18 -28.07
CA SER A 138 5.82 0.30 -27.72
C SER A 138 5.90 1.66 -27.02
N VAL A 139 4.83 2.45 -27.18
CA VAL A 139 4.73 3.78 -26.60
C VAL A 139 3.38 3.91 -25.91
N SER A 140 3.39 4.39 -24.67
CA SER A 140 2.15 4.58 -23.92
C SER A 140 2.21 5.90 -23.16
N ILE A 141 1.03 6.43 -22.85
CA ILE A 141 0.88 7.66 -22.08
C ILE A 141 0.10 7.35 -20.81
N HIS A 142 0.66 7.74 -19.66
CA HIS A 142 0.11 7.43 -18.34
C HIS A 142 -0.21 8.73 -17.61
N ALA A 143 -1.42 8.84 -17.06
CA ALA A 143 -1.78 10.01 -16.28
C ALA A 143 -2.27 9.58 -14.92
N TYR A 144 -1.93 10.36 -13.89
CA TYR A 144 -2.28 10.03 -12.52
C TYR A 144 -2.78 11.29 -11.82
N SER A 145 -3.84 11.13 -11.03
CA SER A 145 -4.38 12.24 -10.25
C SER A 145 -5.04 11.66 -9.02
N PRO A 146 -4.75 12.17 -7.80
CA PRO A 146 -3.68 13.12 -7.47
C PRO A 146 -2.36 12.57 -7.94
N PRO A 147 -1.32 13.38 -7.87
CA PRO A 147 -0.03 13.00 -8.44
C PRO A 147 0.51 11.71 -7.87
N LEU A 148 1.38 11.06 -8.65
CA LEU A 148 1.95 9.76 -8.30
C LEU A 148 3.20 10.01 -7.46
N TRP A 149 2.95 10.45 -6.23
CA TRP A 149 4.05 10.74 -5.31
C TRP A 149 4.50 9.53 -4.51
N ARG A 150 3.62 8.57 -4.26
CA ARG A 150 3.99 7.33 -3.62
C ARG A 150 3.44 6.18 -4.46
N LEU A 151 4.15 5.07 -4.45
CA LEU A 151 3.77 3.87 -5.15
C LEU A 151 4.08 2.71 -4.22
N GLY A 152 3.15 1.76 -4.08
CA GLY A 152 3.44 0.52 -3.37
C GLY A 152 3.91 -0.58 -4.29
N GLN A 153 5.09 -1.15 -3.97
CA GLN A 153 5.63 -2.24 -4.76
C GLN A 153 5.58 -3.51 -3.94
N TYR A 154 4.94 -4.54 -4.48
CA TYR A 154 4.76 -5.80 -3.76
C TYR A 154 5.90 -6.73 -4.12
N SER A 155 6.29 -7.53 -3.14
CA SER A 155 7.32 -8.53 -3.35
C SER A 155 6.91 -9.78 -2.58
N ILE A 156 7.53 -10.88 -2.95
CA ILE A 156 7.31 -12.19 -2.35
C ILE A 156 8.66 -12.68 -1.89
N ASP A 157 8.76 -13.13 -0.64
CA ASP A 157 10.02 -13.64 -0.13
C ASP A 157 10.15 -15.13 -0.46
N ASP A 158 11.18 -15.75 0.13
CA ASP A 158 11.47 -17.16 -0.10
C ASP A 158 10.30 -18.06 0.27
N SER A 159 9.63 -17.75 1.38
CA SER A 159 8.51 -18.53 1.87
C SER A 159 7.19 -18.20 1.19
N GLY A 160 7.19 -17.33 0.17
CA GLY A 160 5.92 -16.93 -0.40
C GLY A 160 5.23 -15.79 0.30
N VAL A 161 5.84 -15.16 1.29
CA VAL A 161 5.16 -14.15 2.11
C VAL A 161 5.24 -12.79 1.40
N MET A 162 4.10 -12.15 1.22
CA MET A 162 3.98 -10.88 0.53
C MET A 162 4.23 -9.70 1.46
N ARG A 163 4.91 -8.69 0.92
CA ARG A 163 5.14 -7.40 1.55
C ARG A 163 4.81 -6.28 0.55
N ARG A 164 4.59 -5.09 1.08
CA ARG A 164 4.41 -3.89 0.25
C ARG A 164 5.40 -2.84 0.69
N VAL A 165 6.28 -2.45 -0.21
CA VAL A 165 7.25 -1.40 0.07
C VAL A 165 6.70 -0.12 -0.52
N SER A 166 6.50 0.91 0.30
CA SER A 166 5.98 2.17 -0.22
C SER A 166 7.15 3.04 -0.67
N VAL A 167 7.16 3.36 -1.97
CA VAL A 167 8.25 4.03 -2.67
C VAL A 167 7.82 5.44 -3.04
N SER A 168 8.65 6.41 -2.70
CA SER A 168 8.37 7.79 -3.09
C SER A 168 8.75 8.00 -4.56
N TYR A 169 7.91 8.74 -5.31
CA TYR A 169 8.10 8.90 -6.76
C TYR A 169 8.04 10.37 -7.24
N GLY B 16 0.27 10.06 28.48
CA GLY B 16 0.92 11.34 28.61
C GLY B 16 2.23 11.33 27.86
N GLU B 17 3.07 12.33 28.10
CA GLU B 17 4.27 12.53 27.29
C GLU B 17 5.25 11.37 27.50
N LEU B 18 5.97 11.00 26.45
CA LEU B 18 6.92 9.90 26.54
C LEU B 18 8.31 10.43 26.20
N ASP B 19 9.28 10.08 27.02
CA ASP B 19 10.69 10.47 26.87
C ASP B 19 11.29 9.57 25.80
N LEU B 20 11.30 10.05 24.56
CA LEU B 20 11.72 9.28 23.39
C LEU B 20 12.58 10.16 22.48
N PRO B 21 13.48 9.57 21.70
CA PRO B 21 14.19 10.37 20.70
C PRO B 21 13.19 11.13 19.85
N GLU B 22 13.55 12.35 19.49
CA GLU B 22 12.67 13.21 18.67
C GLU B 22 12.84 12.90 17.17
N ARG B 23 12.27 11.77 16.76
CA ARG B 23 12.41 11.20 15.42
C ARG B 23 11.53 9.96 15.35
N ASN B 24 11.28 9.51 14.12
CA ASN B 24 10.62 8.23 13.94
C ASN B 24 11.44 7.12 14.59
N LEU B 25 10.75 6.14 15.16
CA LEU B 25 11.37 4.99 15.78
C LEU B 25 11.33 3.77 14.86
N ASP B 26 12.36 2.95 14.95
CA ASP B 26 12.33 1.71 14.19
C ASP B 26 11.64 0.61 15.00
N ARG B 27 11.45 -0.53 14.36
CA ARG B 27 10.63 -1.60 14.90
C ARG B 27 11.14 -2.11 16.25
N ARG B 28 12.46 -2.16 16.45
CA ARG B 28 12.99 -2.62 17.73
C ARG B 28 12.74 -1.62 18.84
N GLU B 29 12.83 -0.32 18.53
CA GLU B 29 12.57 0.73 19.51
C GLU B 29 11.10 0.73 19.90
N LEU B 30 10.24 0.44 18.95
CA LEU B 30 8.82 0.37 19.24
C LEU B 30 8.51 -0.83 20.13
N ARG B 31 9.23 -1.93 19.92
CA ARG B 31 9.08 -3.12 20.74
C ARG B 31 9.53 -2.85 22.16
N ASP B 32 10.70 -2.23 22.32
CA ASP B 32 11.15 -1.77 23.65
C ASP B 32 10.08 -0.92 24.33
N LEU B 33 9.44 -0.03 23.56
CA LEU B 33 8.50 0.92 24.14
C LEU B 33 7.25 0.21 24.63
N VAL B 34 6.70 -0.69 23.81
CA VAL B 34 5.48 -1.33 24.28
C VAL B 34 5.79 -2.27 25.44
N ASN B 35 6.98 -2.85 25.47
CA ASN B 35 7.31 -3.71 26.61
C ASN B 35 7.57 -2.89 27.86
N GLU B 36 8.16 -1.71 27.71
CA GLU B 36 8.34 -0.81 28.83
C GLU B 36 6.99 -0.32 29.38
N LEU B 37 6.06 0.06 28.49
CA LEU B 37 4.73 0.44 28.94
C LEU B 37 4.02 -0.70 29.64
N ALA B 38 4.17 -1.94 29.14
CA ALA B 38 3.54 -3.10 29.76
C ALA B 38 4.00 -3.28 31.20
N ALA B 39 5.25 -2.95 31.49
CA ALA B 39 5.82 -3.07 32.83
C ALA B 39 5.45 -1.90 33.74
N HIS B 40 4.74 -0.88 33.24
CA HIS B 40 4.31 0.24 34.06
C HIS B 40 2.79 0.38 33.96
N PRO B 41 2.06 -0.58 34.52
CA PRO B 41 0.59 -0.50 34.51
C PRO B 41 0.07 0.80 35.09
N GLU B 42 0.83 1.40 36.00
CA GLU B 42 0.43 2.69 36.56
C GLU B 42 0.12 3.69 35.46
N ARG B 43 0.70 3.52 34.25
CA ARG B 43 0.48 4.52 33.22
C ARG B 43 -0.66 4.16 32.30
N TRP B 44 -1.25 2.95 32.39
CA TRP B 44 -2.34 2.63 31.48
C TRP B 44 -3.53 1.90 32.09
N ALA B 45 -3.44 1.36 33.29
CA ALA B 45 -4.61 0.70 33.88
C ALA B 45 -5.84 1.60 33.96
N GLU B 46 -5.66 2.85 34.37
CA GLU B 46 -6.84 3.66 34.64
C GLU B 46 -7.62 4.00 33.35
N HIS B 47 -6.98 3.96 32.17
CA HIS B 47 -7.63 4.27 30.88
C HIS B 47 -8.08 3.00 30.15
N VAL B 48 -8.78 2.15 30.89
CA VAL B 48 -9.32 0.92 30.33
C VAL B 48 -10.32 0.33 31.32
N TYR B 58 -9.98 0.68 22.80
CA TYR B 58 -9.09 1.64 22.13
C TYR B 58 -8.86 2.83 23.04
N ALA B 59 -7.83 2.79 23.88
CA ALA B 59 -7.32 3.99 24.58
C ALA B 59 -5.99 4.44 24.00
N SER B 60 -5.92 5.72 23.66
CA SER B 60 -4.72 6.39 23.16
C SER B 60 -3.77 6.65 24.31
N LEU B 61 -2.60 5.99 24.34
CA LEU B 61 -1.66 6.29 25.41
C LEU B 61 -0.81 7.51 25.09
N HIS B 62 -0.45 7.68 23.81
CA HIS B 62 0.30 8.86 23.40
C HIS B 62 0.33 8.94 21.88
N ARG B 63 0.04 10.11 21.35
CA ARG B 63 0.17 10.37 19.91
C ARG B 63 0.88 11.71 19.72
N ASP B 64 1.93 11.73 18.90
CA ASP B 64 2.63 12.98 18.63
C ASP B 64 3.11 12.90 17.18
N ALA B 65 4.12 13.71 16.82
CA ALA B 65 4.53 13.73 15.42
C ALA B 65 5.23 12.45 15.02
N TYR B 66 5.75 11.71 16.00
CA TYR B 66 6.60 10.54 15.78
C TYR B 66 5.94 9.20 16.07
N VAL B 67 5.13 9.09 17.12
CA VAL B 67 4.58 7.80 17.53
C VAL B 67 3.08 7.90 17.76
N ASP B 68 2.41 6.76 17.60
CA ASP B 68 1.04 6.50 18.03
C ASP B 68 1.13 5.26 18.92
N VAL B 69 0.60 5.35 20.14
CA VAL B 69 0.68 4.24 21.07
C VAL B 69 -0.72 4.01 21.59
N TRP B 70 -1.21 2.77 21.45
CA TRP B 70 -2.57 2.37 21.78
C TRP B 70 -2.58 1.22 22.76
N LEU B 71 -3.56 1.24 23.66
CA LEU B 71 -3.90 0.08 24.48
C LEU B 71 -5.20 -0.50 23.93
N LEU B 72 -5.22 -1.79 23.66
CA LEU B 72 -6.37 -2.43 23.01
C LEU B 72 -6.90 -3.57 23.88
N CYS B 73 -8.22 -3.64 24.04
CA CYS B 73 -8.91 -4.78 24.67
C CYS B 73 -9.73 -5.49 23.62
N TRP B 74 -9.59 -6.80 23.55
CA TRP B 74 -10.11 -7.60 22.45
C TRP B 74 -11.36 -8.36 22.86
N ARG B 75 -12.26 -8.55 21.89
CA ARG B 75 -13.33 -9.52 21.97
C ARG B 75 -13.09 -10.59 20.91
N ALA B 76 -13.65 -11.78 21.16
CA ALA B 76 -13.27 -12.98 20.40
C ALA B 76 -13.49 -12.81 18.91
N GLU B 77 -14.47 -11.99 18.53
CA GLU B 77 -14.79 -11.83 17.12
C GLU B 77 -14.00 -10.70 16.46
N ASP B 78 -13.12 -10.02 17.17
CA ASP B 78 -12.45 -8.85 16.61
C ASP B 78 -11.47 -9.31 15.55
N ASP B 79 -11.37 -8.54 14.46
CA ASP B 79 -10.55 -8.94 13.31
C ASP B 79 -10.11 -7.67 12.60
N THR B 80 -8.79 -7.45 12.49
CA THR B 80 -8.34 -6.27 11.74
C THR B 80 -8.56 -6.41 10.25
N GLY B 81 -8.64 -7.65 9.74
CA GLY B 81 -8.50 -7.91 8.31
C GLY B 81 -7.08 -7.69 7.83
N TRP B 82 -6.80 -8.15 6.61
CA TRP B 82 -5.50 -7.94 6.00
C TRP B 82 -5.30 -6.45 5.74
N HIS B 83 -4.11 -5.94 6.09
CA HIS B 83 -3.84 -4.52 5.99
C HIS B 83 -2.35 -4.31 6.10
N ASP B 84 -1.88 -3.20 5.57
CA ASP B 84 -0.54 -2.73 5.82
C ASP B 84 -0.64 -1.44 6.60
N HIS B 85 0.51 -0.91 7.04
CA HIS B 85 0.54 0.35 7.77
C HIS B 85 1.19 1.45 6.93
N ASP B 86 1.17 1.30 5.60
CA ASP B 86 1.77 2.25 4.67
C ASP B 86 3.26 2.46 4.86
N ILE B 87 3.66 3.49 5.60
CA ILE B 87 5.07 3.71 5.90
C ILE B 87 5.38 3.55 7.39
N SER B 88 4.44 3.08 8.20
CA SER B 88 4.67 2.97 9.63
C SER B 88 5.27 1.61 10.00
N SER B 89 6.38 1.61 10.74
CA SER B 89 6.74 0.42 11.49
C SER B 89 5.80 0.26 12.69
N GLY B 90 5.80 -0.94 13.28
CA GLY B 90 4.98 -1.19 14.45
C GLY B 90 5.53 -2.25 15.37
N ALA B 91 5.01 -2.27 16.60
CA ALA B 91 5.25 -3.40 17.50
C ALA B 91 4.02 -3.61 18.38
N VAL B 92 3.91 -4.83 18.88
CA VAL B 92 2.75 -5.29 19.61
C VAL B 92 3.23 -6.12 20.81
N ARG B 93 2.69 -5.82 21.98
CA ARG B 93 2.95 -6.62 23.17
C ARG B 93 1.62 -7.11 23.70
N VAL B 94 1.49 -8.43 23.83
CA VAL B 94 0.29 -9.01 24.42
C VAL B 94 0.47 -8.96 25.94
N VAL B 95 -0.41 -8.20 26.61
CA VAL B 95 -0.31 -8.06 28.07
C VAL B 95 -0.99 -9.24 28.76
N ALA B 96 -2.18 -9.61 28.28
CA ALA B 96 -2.97 -10.70 28.84
C ALA B 96 -3.75 -11.35 27.70
N GLY B 97 -3.93 -12.66 27.83
CA GLY B 97 -4.64 -13.43 26.81
C GLY B 97 -3.75 -13.85 25.65
N ALA B 98 -4.27 -13.80 24.41
CA ALA B 98 -3.50 -14.24 23.26
C ALA B 98 -4.19 -13.80 21.97
N LEU B 99 -3.37 -13.57 20.92
CA LEU B 99 -3.81 -13.10 19.61
C LEU B 99 -3.14 -13.97 18.54
N LYS B 100 -3.75 -14.05 17.37
CA LYS B 100 -3.12 -14.70 16.23
C LYS B 100 -2.65 -13.63 15.27
N GLU B 101 -1.35 -13.66 14.98
CA GLU B 101 -0.71 -12.82 13.99
C GLU B 101 -0.58 -13.65 12.71
N CYS B 102 -1.22 -13.19 11.63
CA CYS B 102 -1.31 -13.92 10.37
C CYS B 102 -0.59 -13.15 9.27
N ASN B 103 0.14 -13.89 8.45
CA ASN B 103 0.91 -13.34 7.35
C ASN B 103 0.48 -13.96 6.03
N PRO B 104 0.29 -13.14 4.99
CA PRO B 104 -0.28 -13.64 3.73
C PRO B 104 0.74 -14.33 2.85
N ARG B 105 0.35 -15.44 2.27
CA ARG B 105 1.19 -16.10 1.28
C ARG B 105 0.45 -16.12 -0.06
N ILE B 106 1.22 -16.02 -1.14
CA ILE B 106 0.60 -15.87 -2.44
C ILE B 106 -0.27 -17.08 -2.79
N GLY B 107 0.09 -18.26 -2.30
CA GLY B 107 -0.75 -19.42 -2.55
C GLY B 107 -2.07 -19.46 -1.81
N GLY B 108 -2.36 -18.49 -0.96
CA GLY B 108 -3.56 -18.52 -0.14
C GLY B 108 -3.50 -19.35 1.11
N GLU B 109 -2.38 -20.04 1.37
CA GLU B 109 -2.20 -20.77 2.65
C GLU B 109 -1.43 -19.85 3.61
N HIS B 110 -2.17 -18.95 4.23
CA HIS B 110 -1.57 -17.88 5.03
C HIS B 110 -0.92 -18.45 6.29
N LEU B 111 0.20 -17.86 6.68
CA LEU B 111 0.85 -18.27 7.92
C LEU B 111 0.13 -17.69 9.12
N GLU B 112 0.16 -18.45 10.22
CA GLU B 112 -0.58 -18.13 11.43
C GLU B 112 0.31 -18.43 12.62
N THR B 113 0.38 -17.50 13.57
CA THR B 113 1.22 -17.62 14.74
C THR B 113 0.46 -17.05 15.93
N VAL B 114 0.41 -17.83 17.00
CA VAL B 114 -0.26 -17.44 18.22
C VAL B 114 0.73 -16.64 19.04
N VAL B 115 0.33 -15.43 19.43
CA VAL B 115 1.14 -14.55 20.26
C VAL B 115 0.48 -14.52 21.63
N SER B 116 1.18 -15.05 22.64
CA SER B 116 0.64 -15.24 23.98
C SER B 116 1.05 -14.12 24.93
N GLU B 117 0.33 -14.01 26.06
CA GLU B 117 0.61 -12.97 27.05
C GLU B 117 2.06 -13.05 27.48
N GLY B 118 2.68 -11.89 27.68
CA GLY B 118 4.12 -11.80 27.88
C GLY B 118 4.93 -11.69 26.60
N GLU B 119 4.36 -12.05 25.45
CA GLU B 119 5.12 -12.04 24.22
C GLU B 119 4.90 -10.75 23.44
N SER B 120 5.92 -10.38 22.66
CA SER B 120 5.89 -9.20 21.82
C SER B 120 6.56 -9.49 20.49
N PHE B 121 6.12 -8.78 19.44
CA PHE B 121 6.75 -8.83 18.12
C PHE B 121 6.74 -7.44 17.49
N SER B 122 7.54 -7.25 16.45
CA SER B 122 7.66 -5.98 15.76
C SER B 122 7.77 -6.23 14.27
N PHE B 123 7.57 -5.18 13.48
CA PHE B 123 7.70 -5.28 12.03
C PHE B 123 8.05 -3.92 11.45
N GLY B 124 8.75 -3.97 10.31
CA GLY B 124 9.09 -2.79 9.55
C GLY B 124 7.94 -2.31 8.71
N PRO B 125 8.19 -1.27 7.90
CA PRO B 125 7.06 -0.58 7.23
C PRO B 125 6.47 -1.34 6.06
N ASP B 126 7.07 -2.43 5.63
CA ASP B 126 6.54 -3.18 4.51
C ASP B 126 5.59 -4.30 4.93
N HIS B 127 5.30 -4.44 6.22
CA HIS B 127 4.54 -5.56 6.76
C HIS B 127 3.09 -5.51 6.25
N ILE B 128 2.59 -6.66 5.84
CA ILE B 128 1.17 -6.90 5.60
C ILE B 128 0.71 -8.01 6.54
N HIS B 129 -0.33 -7.78 7.31
CA HIS B 129 -0.68 -8.80 8.30
C HIS B 129 -2.15 -8.67 8.64
N ARG B 130 -2.57 -9.59 9.52
CA ARG B 130 -3.94 -9.64 10.06
C ARG B 130 -3.87 -10.18 11.50
N LEU B 131 -4.60 -9.55 12.40
CA LEU B 131 -4.65 -9.90 13.82
C LEU B 131 -6.09 -10.27 14.13
N THR B 132 -6.29 -11.46 14.70
CA THR B 132 -7.62 -12.02 14.87
C THR B 132 -7.53 -13.20 15.83
N GLY B 133 -8.67 -13.84 16.11
CA GLY B 133 -8.64 -15.06 16.94
C GLY B 133 -8.19 -14.82 18.37
N ALA B 134 -8.55 -13.68 18.93
CA ALA B 134 -8.06 -13.33 20.24
C ALA B 134 -8.90 -14.04 21.30
N VAL B 135 -8.23 -14.50 22.37
CA VAL B 135 -8.98 -14.96 23.55
C VAL B 135 -9.81 -13.79 24.06
N HIS B 136 -11.03 -14.08 24.50
CA HIS B 136 -11.89 -12.99 24.94
C HIS B 136 -11.23 -12.21 26.09
N GLY B 137 -11.30 -10.88 26.01
CA GLY B 137 -10.72 -10.06 27.05
C GLY B 137 -9.21 -9.93 27.03
N SER B 138 -8.54 -10.44 25.99
CA SER B 138 -7.13 -10.15 25.79
C SER B 138 -6.84 -8.65 25.77
N VAL B 139 -5.64 -8.28 26.20
CA VAL B 139 -5.20 -6.90 26.34
C VAL B 139 -3.84 -6.76 25.69
N SER B 140 -3.67 -5.73 24.84
CA SER B 140 -2.42 -5.53 24.12
C SER B 140 -2.06 -4.05 24.01
N ILE B 141 -0.76 -3.81 23.83
CA ILE B 141 -0.24 -2.46 23.62
C ILE B 141 0.43 -2.42 22.26
N HIS B 142 0.06 -1.44 21.45
CA HIS B 142 0.56 -1.29 20.10
C HIS B 142 1.20 0.07 19.95
N ALA B 143 2.27 0.14 19.16
CA ALA B 143 2.98 1.37 18.88
C ALA B 143 3.40 1.35 17.42
N TYR B 144 3.23 2.50 16.76
CA TYR B 144 3.53 2.72 15.34
C TYR B 144 4.42 3.94 15.20
N SER B 145 5.40 3.88 14.31
CA SER B 145 6.10 5.13 14.02
C SER B 145 6.59 5.04 12.57
N PRO B 146 6.42 6.09 11.75
CA PRO B 146 5.69 7.32 12.10
C PRO B 146 4.23 7.01 12.38
N PRO B 147 3.48 8.03 12.82
CA PRO B 147 2.10 7.81 13.24
C PRO B 147 1.24 7.23 12.12
N LEU B 148 0.20 6.48 12.52
CA LEU B 148 -0.66 5.78 11.56
C LEU B 148 -1.63 6.78 10.96
N TRP B 149 -1.12 7.59 10.04
CA TRP B 149 -2.01 8.51 9.31
C TRP B 149 -2.87 7.77 8.28
N ARG B 150 -2.35 6.71 7.66
CA ARG B 150 -3.06 5.96 6.64
C ARG B 150 -2.75 4.48 6.76
N LEU B 151 -3.78 3.66 6.51
CA LEU B 151 -3.71 2.20 6.45
C LEU B 151 -4.13 1.72 5.07
N GLY B 152 -3.50 0.66 4.58
CA GLY B 152 -3.98 -0.04 3.40
C GLY B 152 -4.78 -1.26 3.82
N GLN B 153 -6.01 -1.35 3.35
CA GLN B 153 -6.88 -2.47 3.67
C GLN B 153 -7.12 -3.27 2.40
N TYR B 154 -6.81 -4.56 2.43
CA TYR B 154 -6.90 -5.40 1.25
C TYR B 154 -8.26 -6.07 1.22
N SER B 155 -8.83 -6.17 0.03
CA SER B 155 -10.04 -6.95 -0.18
C SER B 155 -9.93 -7.75 -1.46
N ILE B 156 -10.82 -8.73 -1.57
CA ILE B 156 -10.88 -9.68 -2.66
C ILE B 156 -12.29 -9.66 -3.21
N ASP B 157 -12.42 -10.05 -4.49
CA ASP B 157 -13.74 -10.11 -5.08
C ASP B 157 -14.21 -11.55 -5.15
N ASP B 158 -15.45 -11.72 -5.62
CA ASP B 158 -15.84 -13.00 -6.20
C ASP B 158 -14.98 -13.26 -7.43
N SER B 159 -14.74 -12.21 -8.22
CA SER B 159 -13.85 -12.27 -9.38
C SER B 159 -12.44 -12.66 -8.99
N GLY B 160 -12.09 -12.56 -7.71
CA GLY B 160 -10.81 -13.01 -7.20
C GLY B 160 -9.74 -11.96 -7.15
N VAL B 161 -9.96 -10.81 -7.71
CA VAL B 161 -8.89 -9.84 -7.87
C VAL B 161 -8.73 -9.02 -6.60
N MET B 162 -7.46 -8.82 -6.20
CA MET B 162 -7.11 -8.12 -4.98
C MET B 162 -7.05 -6.63 -5.25
N ARG B 163 -7.57 -5.87 -4.30
CA ARG B 163 -7.55 -4.41 -4.26
C ARG B 163 -6.93 -3.94 -2.95
N ARG B 164 -6.39 -2.73 -2.95
CA ARG B 164 -5.85 -2.12 -1.73
C ARG B 164 -6.51 -0.77 -1.56
N VAL B 165 -7.36 -0.63 -0.54
CA VAL B 165 -8.04 0.64 -0.29
C VAL B 165 -7.24 1.43 0.72
N SER B 166 -6.76 2.60 0.34
CA SER B 166 -5.97 3.42 1.25
C SER B 166 -6.90 4.24 2.14
N VAL B 167 -6.82 3.98 3.46
CA VAL B 167 -7.71 4.58 4.46
C VAL B 167 -6.98 5.67 5.24
N SER B 168 -7.74 6.67 5.68
CA SER B 168 -7.22 7.79 6.46
C SER B 168 -7.68 7.65 7.92
C1 EDO C . 2.23 -8.28 -26.63
O1 EDO C . 1.97 -8.67 -25.25
C2 EDO C . 2.08 -9.45 -27.59
O2 EDO C . 3.26 -10.24 -27.53
H11 EDO C . 3.23 -7.86 -26.72
H12 EDO C . 1.53 -7.49 -26.93
HO1 EDO C . 1.01 -8.86 -25.17
H21 EDO C . 1.97 -9.16 -28.64
H22 EDO C . 1.26 -10.12 -27.36
HO2 EDO C . 4.02 -9.61 -27.36
O01 LW8 D . 8.29 3.67 -14.95
C02 LW8 D . 7.80 3.86 -13.82
O03 LW8 D . 7.91 3.07 -12.85
C04 LW8 D . 6.99 5.16 -13.56
N05 LW8 D . 7.78 6.41 -14.00
C06 LW8 D . 7.25 7.56 -13.24
C07 LW8 D . 9.24 6.31 -13.66
C08 LW8 D . 7.69 6.77 -15.47
C09 LW8 D . 5.50 5.19 -13.98
C10 LW8 D . 4.89 3.87 -14.33
N11 LW8 D . 3.74 3.45 -13.80
C14 LW8 D . 3.28 2.29 -14.35
S15 LW8 D . 1.89 1.30 -14.08
N13 LW8 D . 4.21 2.04 -15.27
C12 LW8 D . 5.20 2.97 -15.27
H2 LW8 D . 6.97 5.23 -12.59
H3 LW8 D . 7.36 7.45 -12.27
H4 LW8 D . 6.30 7.73 -13.42
H5 LW8 D . 7.75 8.36 -13.48
H6 LW8 D . 9.39 5.91 -12.78
H7 LW8 D . 9.73 5.79 -14.31
H8 LW8 D . 9.68 7.18 -13.64
H9 LW8 D . 7.80 5.99 -16.04
H10 LW8 D . 8.39 7.40 -15.70
H11 LW8 D . 6.84 7.20 -15.69
H12 LW8 D . 5.32 5.73 -14.76
H13 LW8 D . 4.97 5.54 -13.25
H14 LW8 D . 5.97 2.91 -15.85
H15 LW8 D . 3.28 3.90 -13.20
H16 LW8 D . 4.18 1.36 -15.83
MG MG E . -9.32 17.20 -30.19
NI NI F . 0.61 1.32 -12.43
CA CA G . 5.21 -1.63 -32.64
O1 PG4 H . -6.15 -10.99 1.15
C1 PG4 H . -4.84 -11.37 1.56
C2 PG4 H . -3.93 -10.19 1.52
O2 PG4 H . -2.84 -10.48 0.68
C3 PG4 H . -1.85 -9.47 0.75
C4 PG4 H . -2.11 -8.49 -0.32
O3 PG4 H . -1.18 -8.65 -1.39
C5 PG4 H . -1.71 -8.17 -2.62
C6 PG4 H . -0.63 -8.03 -3.59
O4 PG4 H . -0.79 -8.91 -4.70
C7 PG4 H . 0.27 -8.69 -5.63
C8 PG4 H . 0.70 -9.97 -6.34
O5 PG4 H . 1.97 -10.41 -5.91
HO1 PG4 H . -6.48 -10.32 1.80
H11 PG4 H . -4.88 -11.78 2.57
H12 PG4 H . -4.46 -12.16 0.92
H21 PG4 H . -4.48 -9.32 1.17
H22 PG4 H . -3.60 -9.95 2.53
H31 PG4 H . -1.88 -8.98 1.72
H32 PG4 H . -0.86 -9.89 0.63
H41 PG4 H . -3.13 -8.61 -0.68
H42 PG4 H . -2.06 -7.48 0.09
H51 PG4 H . -2.47 -8.86 -2.98
H52 PG4 H . -2.22 -7.22 -2.45
H61 PG4 H . -0.57 -7.00 -3.93
H62 PG4 H . 0.33 -8.23 -3.10
H71 PG4 H . -0.06 -7.95 -6.36
H72 PG4 H . 1.10 -8.26 -5.11
H81 PG4 H . 0.03 -10.80 -6.15
H82 PG4 H . 0.78 -9.85 -7.42
HO5 PG4 H . 1.84 -10.89 -5.05
C ACT I . -1.51 -3.99 14.25
O ACT I . -2.56 -4.22 13.58
OXT ACT I . -0.41 -3.54 13.93
CH3 ACT I . -1.57 -4.30 15.62
H1 ACT I . -2.49 -4.33 15.92
H2 ACT I . -1.10 -3.62 16.12
H3 ACT I . -1.15 -5.17 15.77
C1 EDO J . -1.10 11.74 24.05
O1 EDO J . -1.36 12.45 22.83
C2 EDO J . -0.48 12.53 25.20
O2 EDO J . -0.32 11.56 26.21
H11 EDO J . -0.43 10.91 23.84
H12 EDO J . -2.03 11.31 24.42
HO1 EDO J . -2.15 13.03 23.00
H21 EDO J . -1.11 13.32 25.61
H22 EDO J . 0.49 12.97 25.00
HO2 EDO J . -1.21 11.18 26.42
NI NI K . -1.49 -3.89 11.87
CA CA L . 12.44 -6.21 17.43
CA CA M . -10.38 1.63 37.03
#